data_1Y0R
#
_entry.id   1Y0R
#
_cell.length_a   111.572
_cell.length_b   111.572
_cell.length_c   111.572
_cell.angle_alpha   90.00
_cell.angle_beta   90.00
_cell.angle_gamma   90.00
#
_symmetry.space_group_name_H-M   'P 2 3'
#
loop_
_entity.id
_entity.type
_entity.pdbx_description
1 polymer 'Frv operon protein FrvX'
2 non-polymer 'ZINC ION'
3 non-polymer ARSENIC
4 water water
#
_entity_poly.entity_id   1
_entity_poly.type   'polypeptide(L)'
_entity_poly.pdbx_seq_one_letter_code
;MEVRNMVDYELLKKVVEAPGVSGYEFLGIRDVVIEEIKDYVDEVKVDKLGNVIAHKKGEGPKVMIAAHMDQIGLMVTHIE
KNGFLRVAPIGGVDPKTLIAQRFKVWIDKGKFIYGVGASVPPHIQKPEDRKKAPDWDQIFIDIGAESKEEAEDMGVKIGT
VITWDGRLERLGKHRFVSIAFDDRIAVYTILEVAKQLKDAKADVYFVATVQEEVGLRGARTSAFGIEPDYGFAIDVTIAA
DIPGTPEHKQVTHLGKGTAIKIMDRSVICHPTIVRWLEELAKKHEIPYQLEILLGGGTDAGAIHLTKAGVPTGALSVPAR
YIHSNTEVVDERDVDATVELMTKALENIHELKI
;
_entity_poly.pdbx_strand_id   A
#
loop_
_chem_comp.id
_chem_comp.type
_chem_comp.name
_chem_comp.formula
ARS non-polymer ARSENIC As
ZN non-polymer 'ZINC ION' 'Zn 2'
#
# COMPACT_ATOMS: atom_id res chain seq x y z
N MET A 6 -8.51 16.03 -9.16
CA MET A 6 -9.42 15.27 -8.27
C MET A 6 -8.72 14.78 -6.99
N VAL A 7 -7.40 14.65 -7.05
CA VAL A 7 -6.63 14.23 -5.89
C VAL A 7 -5.70 15.36 -5.50
N ASP A 8 -5.21 15.33 -4.27
CA ASP A 8 -4.27 16.33 -3.76
C ASP A 8 -2.90 15.83 -4.20
N TYR A 9 -2.49 16.24 -5.40
CA TYR A 9 -1.24 15.82 -6.01
C TYR A 9 0.00 15.92 -5.13
N GLU A 10 0.15 17.04 -4.45
CA GLU A 10 1.30 17.26 -3.57
C GLU A 10 1.36 16.24 -2.43
N LEU A 11 0.20 15.96 -1.84
CA LEU A 11 0.14 15.00 -0.74
C LEU A 11 0.48 13.61 -1.27
N LEU A 12 -0.07 13.28 -2.43
CA LEU A 12 0.18 11.95 -3.02
C LEU A 12 1.68 11.80 -3.29
N LYS A 13 2.30 12.85 -3.83
CA LYS A 13 3.73 12.80 -4.13
C LYS A 13 4.51 12.53 -2.85
N LYS A 14 4.11 13.18 -1.76
CA LYS A 14 4.82 12.98 -0.49
C LYS A 14 4.75 11.54 0.00
N VAL A 15 3.60 10.91 -0.15
CA VAL A 15 3.46 9.53 0.33
C VAL A 15 4.09 8.47 -0.57
N VAL A 16 4.04 8.64 -1.89
CA VAL A 16 4.63 7.61 -2.74
C VAL A 16 6.15 7.66 -2.81
N GLU A 17 6.73 8.85 -2.63
CA GLU A 17 8.17 8.97 -2.74
C GLU A 17 8.98 8.80 -1.45
N ALA A 18 8.29 8.62 -0.32
CA ALA A 18 8.99 8.41 0.95
C ALA A 18 9.43 6.95 0.98
N PRO A 19 10.68 6.69 1.38
CA PRO A 19 11.10 5.29 1.41
C PRO A 19 10.46 4.53 2.56
N GLY A 20 10.21 3.25 2.36
CA GLY A 20 9.63 2.47 3.43
C GLY A 20 9.40 1.03 3.03
N VAL A 21 10.48 0.28 2.84
CA VAL A 21 10.31 -1.12 2.48
C VAL A 21 9.89 -1.89 3.73
N SER A 22 9.31 -3.08 3.52
CA SER A 22 8.86 -3.89 4.65
C SER A 22 9.91 -4.01 5.75
N GLY A 23 9.49 -3.78 6.99
CA GLY A 23 10.40 -3.87 8.12
C GLY A 23 11.19 -2.60 8.38
N TYR A 24 11.24 -1.71 7.39
CA TYR A 24 12.00 -0.47 7.47
C TYR A 24 11.17 0.77 7.16
N GLU A 25 9.90 0.70 7.52
CA GLU A 25 8.97 1.80 7.27
C GLU A 25 9.36 3.06 8.05
N PHE A 26 10.07 2.86 9.15
CA PHE A 26 10.52 3.98 9.98
C PHE A 26 11.52 4.88 9.26
N LEU A 27 12.09 4.40 8.16
CA LEU A 27 13.06 5.22 7.44
C LEU A 27 12.48 6.41 6.70
N GLY A 28 11.16 6.46 6.57
CA GLY A 28 10.57 7.58 5.86
C GLY A 28 9.06 7.71 5.87
N ILE A 29 8.37 6.70 5.36
CA ILE A 29 6.93 6.78 5.30
C ILE A 29 6.26 6.96 6.65
N ARG A 30 6.78 6.31 7.70
CA ARG A 30 6.16 6.44 9.02
C ARG A 30 5.96 7.90 9.42
N ASP A 31 7.02 8.70 9.32
CA ASP A 31 6.94 10.11 9.71
C ASP A 31 6.01 10.94 8.83
N VAL A 32 5.94 10.60 7.55
CA VAL A 32 5.04 11.32 6.64
C VAL A 32 3.62 11.06 7.10
N VAL A 33 3.29 9.81 7.40
CA VAL A 33 1.94 9.48 7.83
C VAL A 33 1.56 10.18 9.13
N ILE A 34 2.46 10.16 10.11
CA ILE A 34 2.17 10.81 11.38
C ILE A 34 1.92 12.31 11.21
N GLU A 35 2.82 12.96 10.47
CA GLU A 35 2.71 14.39 10.22
C GLU A 35 1.44 14.79 9.47
N GLU A 36 1.03 13.99 8.50
CA GLU A 36 -0.15 14.30 7.71
C GLU A 36 -1.49 13.93 8.33
N ILE A 37 -1.48 13.06 9.34
CA ILE A 37 -2.75 12.66 9.94
C ILE A 37 -3.01 13.18 11.35
N LYS A 38 -1.94 13.48 12.08
CA LYS A 38 -2.08 13.91 13.46
C LYS A 38 -3.08 15.02 13.77
N ASP A 39 -3.19 16.03 12.91
CA ASP A 39 -4.13 17.11 13.18
C ASP A 39 -5.59 16.76 12.95
N TYR A 40 -5.85 15.57 12.44
CA TYR A 40 -7.22 15.15 12.17
C TYR A 40 -7.74 14.07 13.10
N VAL A 41 -6.92 13.67 14.06
CA VAL A 41 -7.32 12.65 15.01
C VAL A 41 -7.02 13.09 16.44
N ASP A 42 -7.49 12.32 17.41
CA ASP A 42 -7.28 12.65 18.80
C ASP A 42 -5.93 12.20 19.35
N GLU A 43 -5.46 11.05 18.90
CA GLU A 43 -4.17 10.54 19.36
C GLU A 43 -3.52 9.68 18.29
N VAL A 44 -2.20 9.72 18.24
CA VAL A 44 -1.46 8.92 17.27
C VAL A 44 -0.39 8.13 18.05
N LYS A 45 -0.36 6.83 17.84
CA LYS A 45 0.61 5.97 18.50
C LYS A 45 1.31 5.11 17.47
N VAL A 46 2.49 4.61 17.84
CA VAL A 46 3.26 3.72 16.99
C VAL A 46 3.45 2.48 17.86
N ASP A 47 2.94 1.33 17.44
CA ASP A 47 3.09 0.13 18.26
C ASP A 47 4.44 -0.57 18.11
N LYS A 48 4.57 -1.73 18.74
CA LYS A 48 5.83 -2.48 18.72
C LYS A 48 6.43 -2.87 17.37
N LEU A 49 5.60 -3.27 16.42
CA LEU A 49 6.13 -3.64 15.11
C LEU A 49 6.28 -2.41 14.21
N GLY A 50 5.78 -1.28 14.66
CA GLY A 50 5.91 -0.07 13.86
C GLY A 50 4.63 0.46 13.21
N ASN A 51 3.50 -0.20 13.47
CA ASN A 51 2.24 0.26 12.89
C ASN A 51 1.91 1.64 13.46
N VAL A 52 1.36 2.51 12.62
CA VAL A 52 0.94 3.83 13.08
C VAL A 52 -0.56 3.69 13.31
N ILE A 53 -1.00 3.97 14.53
CA ILE A 53 -2.41 3.84 14.88
C ILE A 53 -2.94 5.24 15.22
N ALA A 54 -3.85 5.74 14.40
CA ALA A 54 -4.44 7.08 14.58
C ALA A 54 -5.88 6.95 15.01
N HIS A 55 -6.15 7.36 16.25
CA HIS A 55 -7.49 7.25 16.83
C HIS A 55 -8.34 8.51 16.81
N LYS A 56 -9.50 8.40 16.18
CA LYS A 56 -10.46 9.50 16.12
C LYS A 56 -11.62 9.02 16.99
N LYS A 57 -11.59 9.41 18.27
CA LYS A 57 -12.60 9.02 19.25
C LYS A 57 -14.00 9.12 18.72
N GLY A 58 -14.74 8.04 18.92
CA GLY A 58 -16.08 8.01 18.39
C GLY A 58 -17.26 7.53 19.19
N GLU A 59 -18.37 7.91 18.64
CA GLU A 59 -19.71 7.71 19.13
C GLU A 59 -20.42 6.47 18.54
N GLY A 60 -19.77 5.31 18.56
CA GLY A 60 -20.42 4.14 18.00
C GLY A 60 -19.51 2.92 17.89
N PRO A 61 -19.76 2.03 16.92
CA PRO A 61 -18.95 0.82 16.73
C PRO A 61 -17.46 1.14 16.55
N LYS A 62 -16.61 0.26 17.08
CA LYS A 62 -15.16 0.40 16.97
C LYS A 62 -14.80 -0.13 15.59
N VAL A 63 -14.24 0.74 14.73
CA VAL A 63 -13.91 0.36 13.37
C VAL A 63 -12.43 0.57 13.06
N MET A 64 -11.80 -0.45 12.48
CA MET A 64 -10.39 -0.35 12.11
C MET A 64 -10.32 -0.24 10.60
N ILE A 65 -9.57 0.74 10.10
CA ILE A 65 -9.40 0.93 8.66
C ILE A 65 -7.90 0.86 8.43
N ALA A 66 -7.47 -0.14 7.67
CA ALA A 66 -6.05 -0.35 7.43
C ALA A 66 -5.55 -0.22 5.99
N ALA A 67 -4.41 0.44 5.84
CA ALA A 67 -3.74 0.60 4.55
C ALA A 67 -2.28 0.32 4.88
N HIS A 68 -1.63 -0.57 4.16
CA HIS A 68 -0.25 -0.85 4.52
C HIS A 68 0.72 0.17 3.96
N MET A 69 1.69 0.57 4.78
CA MET A 69 2.63 1.57 4.34
C MET A 69 3.95 1.03 3.82
N ASP A 70 4.16 -0.29 3.91
CA ASP A 70 5.41 -0.84 3.39
C ASP A 70 5.29 -1.06 1.87
N GLN A 71 6.42 -0.96 1.18
CA GLN A 71 6.48 -1.15 -0.26
C GLN A 71 7.50 -2.26 -0.52
N ILE A 72 7.45 -2.86 -1.71
CA ILE A 72 8.41 -3.91 -2.02
C ILE A 72 9.75 -3.24 -2.33
N GLY A 73 10.83 -4.01 -2.20
CA GLY A 73 12.14 -3.47 -2.46
C GLY A 73 13.20 -4.56 -2.46
N LEU A 74 14.45 -4.17 -2.28
CA LEU A 74 15.56 -5.12 -2.28
C LEU A 74 16.45 -4.91 -1.08
N MET A 75 17.20 -5.96 -0.72
CA MET A 75 18.15 -5.87 0.38
C MET A 75 19.47 -6.46 -0.07
N VAL A 76 20.56 -5.75 0.20
CA VAL A 76 21.89 -6.21 -0.18
C VAL A 76 22.28 -7.46 0.63
N THR A 77 22.66 -8.53 -0.07
CA THR A 77 23.04 -9.78 0.57
C THR A 77 24.54 -10.05 0.52
N HIS A 78 25.21 -9.41 -0.42
CA HIS A 78 26.64 -9.63 -0.60
C HIS A 78 27.25 -8.56 -1.46
N ILE A 79 28.50 -8.20 -1.17
CA ILE A 79 29.22 -7.20 -1.96
C ILE A 79 30.37 -7.95 -2.61
N GLU A 80 30.34 -8.01 -3.94
CA GLU A 80 31.35 -8.71 -4.74
C GLU A 80 32.71 -8.02 -4.65
N LYS A 81 33.78 -8.74 -4.99
CA LYS A 81 35.13 -8.18 -4.91
C LYS A 81 35.34 -6.93 -5.76
N ASN A 82 34.60 -6.81 -6.86
CA ASN A 82 34.73 -5.64 -7.72
C ASN A 82 33.70 -4.55 -7.44
N GLY A 83 33.07 -4.62 -6.27
CA GLY A 83 32.12 -3.59 -5.87
C GLY A 83 30.66 -3.71 -6.24
N PHE A 84 30.31 -4.74 -7.02
CA PHE A 84 28.92 -4.96 -7.43
C PHE A 84 28.13 -5.48 -6.24
N LEU A 85 26.81 -5.24 -6.22
CA LEU A 85 25.98 -5.70 -5.11
C LEU A 85 25.05 -6.82 -5.52
N ARG A 86 24.85 -7.77 -4.61
CA ARG A 86 23.91 -8.86 -4.87
C ARG A 86 22.74 -8.57 -3.94
N VAL A 87 21.54 -8.94 -4.36
CA VAL A 87 20.35 -8.64 -3.59
C VAL A 87 19.34 -9.77 -3.41
N ALA A 88 18.42 -9.58 -2.46
CA ALA A 88 17.35 -10.51 -2.20
C ALA A 88 16.09 -9.66 -2.17
N PRO A 89 14.96 -10.19 -2.63
CA PRO A 89 13.74 -9.39 -2.62
C PRO A 89 13.07 -9.23 -1.26
N ILE A 90 12.45 -8.07 -1.08
CA ILE A 90 11.67 -7.80 0.12
C ILE A 90 10.28 -7.71 -0.50
N GLY A 91 9.48 -8.76 -0.32
CA GLY A 91 8.16 -8.78 -0.91
C GLY A 91 8.22 -9.46 -2.28
N GLY A 92 7.09 -9.50 -2.98
CA GLY A 92 7.04 -10.15 -4.28
C GLY A 92 7.58 -9.36 -5.46
N VAL A 93 8.91 -9.35 -5.60
CA VAL A 93 9.57 -8.62 -6.68
C VAL A 93 9.88 -9.56 -7.86
N ASP A 94 9.63 -9.09 -9.08
CA ASP A 94 9.89 -9.87 -10.29
C ASP A 94 11.19 -9.37 -10.92
N PRO A 95 12.17 -10.27 -11.11
CA PRO A 95 13.45 -9.90 -11.72
C PRO A 95 13.36 -9.09 -13.02
N LYS A 96 12.33 -9.36 -13.83
CA LYS A 96 12.14 -8.65 -15.08
C LYS A 96 11.95 -7.15 -14.88
N THR A 97 11.58 -6.74 -13.68
CA THR A 97 11.35 -5.32 -13.40
C THR A 97 12.58 -4.61 -12.82
N LEU A 98 13.70 -5.33 -12.75
CA LEU A 98 14.92 -4.77 -12.18
C LEU A 98 16.02 -4.50 -13.20
N ILE A 99 15.88 -5.08 -14.38
CA ILE A 99 16.88 -4.93 -15.45
C ILE A 99 16.88 -3.57 -16.10
N ALA A 100 18.09 -2.99 -16.18
CA ALA A 100 18.24 -1.70 -16.82
C ALA A 100 17.35 -0.66 -16.16
N GLN A 101 17.36 -0.67 -14.82
CA GLN A 101 16.56 0.24 -14.02
C GLN A 101 17.49 1.01 -13.09
N ARG A 102 17.04 2.19 -12.66
CA ARG A 102 17.81 2.98 -11.71
C ARG A 102 17.20 2.76 -10.32
N PHE A 103 18.06 2.74 -9.31
CA PHE A 103 17.65 2.52 -7.92
C PHE A 103 18.22 3.55 -6.96
N LYS A 104 17.56 3.64 -5.80
CA LYS A 104 18.00 4.52 -4.73
C LYS A 104 18.51 3.57 -3.65
N VAL A 105 19.81 3.54 -3.44
CA VAL A 105 20.42 2.68 -2.43
C VAL A 105 20.51 3.48 -1.13
N TRP A 106 19.66 3.13 -0.18
CA TRP A 106 19.60 3.82 1.10
C TRP A 106 20.74 3.46 2.03
N ILE A 107 21.66 4.41 2.20
CA ILE A 107 22.82 4.24 3.06
C ILE A 107 22.57 4.75 4.47
N ASP A 108 21.56 5.60 4.62
CA ASP A 108 21.17 6.17 5.91
C ASP A 108 19.79 6.81 5.74
N LYS A 109 19.16 7.18 6.86
CA LYS A 109 17.85 7.82 6.82
C LYS A 109 17.96 9.13 6.07
N GLY A 110 17.16 9.28 5.03
CA GLY A 110 17.20 10.49 4.22
C GLY A 110 18.45 10.67 3.38
N LYS A 111 19.20 9.59 3.14
CA LYS A 111 20.42 9.67 2.33
C LYS A 111 20.55 8.44 1.44
N PHE A 112 20.70 8.67 0.14
CA PHE A 112 20.83 7.56 -0.80
C PHE A 112 21.87 7.84 -1.86
N ILE A 113 22.29 6.79 -2.56
CA ILE A 113 23.22 6.93 -3.68
C ILE A 113 22.53 6.16 -4.79
N TYR A 114 22.87 6.46 -6.04
CA TYR A 114 22.22 5.75 -7.13
C TYR A 114 22.86 4.41 -7.43
N GLY A 115 22.05 3.55 -8.04
CA GLY A 115 22.50 2.23 -8.44
C GLY A 115 21.79 1.82 -9.71
N VAL A 116 22.41 0.91 -10.47
CA VAL A 116 21.85 0.42 -11.71
C VAL A 116 21.69 -1.10 -11.64
N GLY A 117 20.48 -1.59 -11.93
CA GLY A 117 20.22 -3.01 -11.91
C GLY A 117 20.58 -3.62 -13.26
N ALA A 118 21.17 -4.82 -13.26
CA ALA A 118 21.58 -5.42 -14.52
C ALA A 118 21.52 -6.94 -14.67
N SER A 119 21.77 -7.38 -15.91
CA SER A 119 21.78 -8.80 -16.31
C SER A 119 20.62 -9.64 -15.80
N ALA A 133 15.33 -13.85 -19.90
CA ALA A 133 14.59 -13.68 -18.65
C ALA A 133 15.44 -14.12 -17.47
N PRO A 134 15.87 -13.17 -16.63
CA PRO A 134 16.70 -13.45 -15.46
C PRO A 134 15.98 -13.83 -14.17
N ASP A 135 16.76 -14.45 -13.29
CA ASP A 135 16.30 -14.82 -11.98
C ASP A 135 17.35 -14.24 -11.05
N TRP A 136 17.12 -14.35 -9.76
CA TRP A 136 18.00 -13.78 -8.76
C TRP A 136 19.51 -14.03 -8.82
N ASP A 137 19.92 -15.23 -9.22
CA ASP A 137 21.36 -15.54 -9.29
C ASP A 137 22.11 -14.80 -10.41
N GLN A 138 21.39 -14.14 -11.30
CA GLN A 138 21.99 -13.40 -12.40
C GLN A 138 21.90 -11.89 -12.20
N ILE A 139 21.09 -11.48 -11.23
CA ILE A 139 20.87 -10.07 -10.91
C ILE A 139 21.96 -9.47 -10.02
N PHE A 140 22.31 -8.22 -10.32
CA PHE A 140 23.30 -7.47 -9.54
C PHE A 140 23.07 -5.97 -9.69
N ILE A 141 23.56 -5.19 -8.74
CA ILE A 141 23.40 -3.75 -8.76
C ILE A 141 24.78 -3.12 -8.87
N ASP A 142 24.92 -2.13 -9.75
CA ASP A 142 26.20 -1.43 -9.96
C ASP A 142 26.04 -0.03 -9.35
N ILE A 143 26.90 0.34 -8.40
CA ILE A 143 26.84 1.65 -7.77
C ILE A 143 28.07 2.50 -8.09
N GLY A 144 28.85 2.05 -9.06
CA GLY A 144 30.04 2.81 -9.43
C GLY A 144 31.28 2.54 -8.58
N ALA A 145 31.22 1.52 -7.73
CA ALA A 145 32.37 1.16 -6.88
C ALA A 145 33.33 0.28 -7.66
N GLU A 146 34.61 0.29 -7.30
CA GLU A 146 35.60 -0.53 -7.99
C GLU A 146 36.04 -1.72 -7.15
N SER A 147 35.62 -1.75 -5.89
CA SER A 147 35.97 -2.83 -4.99
C SER A 147 34.97 -2.90 -3.85
N LYS A 148 35.01 -4.01 -3.11
CA LYS A 148 34.11 -4.19 -1.96
C LYS A 148 34.40 -3.11 -0.93
N GLU A 149 35.68 -2.77 -0.77
CA GLU A 149 36.09 -1.76 0.20
C GLU A 149 35.54 -0.38 -0.16
N GLU A 150 35.54 -0.05 -1.44
CA GLU A 150 35.02 1.25 -1.88
C GLU A 150 33.50 1.30 -1.68
N ALA A 151 32.83 0.18 -1.93
CA ALA A 151 31.38 0.11 -1.75
C ALA A 151 31.05 0.30 -0.28
N GLU A 152 31.86 -0.28 0.60
CA GLU A 152 31.62 -0.16 2.03
C GLU A 152 31.88 1.27 2.48
N ASP A 153 32.91 1.90 1.91
CA ASP A 153 33.23 3.29 2.22
C ASP A 153 32.12 4.22 1.76
N MET A 154 31.36 3.78 0.75
CA MET A 154 30.26 4.58 0.23
C MET A 154 29.03 4.45 1.14
N GLY A 155 29.12 3.56 2.13
CA GLY A 155 28.03 3.39 3.08
C GLY A 155 27.18 2.14 2.94
N VAL A 156 27.55 1.25 2.01
CA VAL A 156 26.80 0.03 1.78
C VAL A 156 27.30 -1.14 2.62
N LYS A 157 26.37 -1.96 3.07
CA LYS A 157 26.69 -3.12 3.88
C LYS A 157 25.61 -4.18 3.68
N ILE A 158 25.85 -5.36 4.23
CA ILE A 158 24.85 -6.41 4.13
C ILE A 158 23.66 -5.89 4.93
N GLY A 159 22.49 -5.92 4.30
CA GLY A 159 21.29 -5.43 4.97
C GLY A 159 20.83 -4.07 4.44
N THR A 160 21.65 -3.44 3.61
CA THR A 160 21.29 -2.14 3.04
C THR A 160 20.01 -2.31 2.21
N VAL A 161 19.04 -1.42 2.38
CA VAL A 161 17.82 -1.54 1.59
C VAL A 161 17.84 -0.63 0.37
N ILE A 162 17.13 -1.07 -0.66
CA ILE A 162 17.10 -0.41 -1.96
C ILE A 162 15.69 -0.34 -2.54
N THR A 163 15.34 0.80 -3.15
CA THR A 163 14.03 0.96 -3.80
C THR A 163 14.30 1.47 -5.21
N TRP A 164 13.32 1.38 -6.10
CA TRP A 164 13.50 1.92 -7.46
C TRP A 164 13.56 3.43 -7.32
N ASP A 165 14.14 4.07 -8.32
CA ASP A 165 14.22 5.53 -8.37
C ASP A 165 13.02 5.90 -9.22
N GLY A 166 11.87 6.05 -8.60
CA GLY A 166 10.68 6.39 -9.34
C GLY A 166 10.04 7.64 -8.79
N ARG A 167 9.36 8.39 -9.65
CA ARG A 167 8.69 9.59 -9.20
C ARG A 167 7.27 9.59 -9.72
N LEU A 168 6.41 10.36 -9.06
CA LEU A 168 5.02 10.46 -9.46
C LEU A 168 4.91 11.39 -10.66
N GLU A 169 4.18 10.94 -11.68
CA GLU A 169 3.96 11.77 -12.87
C GLU A 169 2.54 11.54 -13.38
N ARG A 170 2.04 12.48 -14.17
CA ARG A 170 0.70 12.36 -14.72
C ARG A 170 0.68 11.68 -16.08
N LEU A 171 -0.37 10.92 -16.33
CA LEU A 171 -0.56 10.24 -17.62
C LEU A 171 -1.94 10.68 -18.11
N GLY A 172 -1.98 11.56 -19.10
CA GLY A 172 -3.26 12.00 -19.62
C GLY A 172 -4.10 12.80 -18.65
N LYS A 173 -5.40 12.86 -18.92
CA LYS A 173 -6.31 13.65 -18.09
C LYS A 173 -6.57 13.17 -16.67
N HIS A 174 -6.73 11.87 -16.48
CA HIS A 174 -7.07 11.34 -15.16
C HIS A 174 -6.15 10.30 -14.55
N ARG A 175 -5.09 9.92 -15.23
CA ARG A 175 -4.22 8.88 -14.68
C ARG A 175 -2.85 9.32 -14.20
N PHE A 176 -2.20 8.45 -13.44
CA PHE A 176 -0.88 8.74 -12.87
C PHE A 176 -0.01 7.50 -12.90
N VAL A 177 1.30 7.72 -12.91
CA VAL A 177 2.24 6.62 -12.89
C VAL A 177 3.15 6.87 -11.69
N SER A 178 3.49 5.82 -10.97
CA SER A 178 4.36 5.99 -9.81
C SER A 178 4.83 4.69 -9.23
N ILE A 179 5.84 4.81 -8.40
CA ILE A 179 6.38 3.68 -7.68
C ILE A 179 5.43 3.60 -6.47
N ALA A 180 5.35 2.40 -5.91
CA ALA A 180 4.57 2.10 -4.72
C ALA A 180 3.12 2.59 -4.61
N PHE A 181 2.35 2.54 -5.69
CA PHE A 181 0.94 2.93 -5.58
C PHE A 181 0.29 1.89 -4.66
N ASP A 182 0.93 0.73 -4.58
CA ASP A 182 0.53 -0.39 -3.74
C ASP A 182 1.50 -0.33 -2.55
N ASP A 183 1.02 0.08 -1.37
CA ASP A 183 -0.37 0.47 -1.15
C ASP A 183 -0.43 1.95 -0.74
N ARG A 184 0.55 2.74 -1.18
CA ARG A 184 0.61 4.17 -0.85
C ARG A 184 -0.62 4.94 -1.31
N ILE A 185 -1.27 4.48 -2.38
CA ILE A 185 -2.48 5.14 -2.84
C ILE A 185 -3.57 4.93 -1.78
N ALA A 186 -3.45 3.85 -1.01
CA ALA A 186 -4.42 3.57 0.06
C ALA A 186 -4.08 4.43 1.29
N VAL A 187 -2.79 4.69 1.48
CA VAL A 187 -2.34 5.53 2.60
C VAL A 187 -2.89 6.93 2.32
N TYR A 188 -2.78 7.35 1.05
CA TYR A 188 -3.30 8.65 0.64
C TYR A 188 -4.80 8.67 0.93
N THR A 189 -5.48 7.59 0.55
CA THR A 189 -6.92 7.46 0.74
C THR A 189 -7.36 7.62 2.21
N ILE A 190 -6.70 6.93 3.13
CA ILE A 190 -7.12 7.08 4.52
C ILE A 190 -6.78 8.45 5.09
N LEU A 191 -5.73 9.08 4.56
CA LEU A 191 -5.38 10.43 5.02
C LEU A 191 -6.49 11.36 4.56
N GLU A 192 -7.00 11.14 3.36
CA GLU A 192 -8.08 11.96 2.83
C GLU A 192 -9.38 11.69 3.59
N VAL A 193 -9.61 10.43 3.94
CA VAL A 193 -10.82 10.08 4.68
C VAL A 193 -10.77 10.73 6.07
N ALA A 194 -9.61 10.67 6.72
CA ALA A 194 -9.46 11.27 8.04
C ALA A 194 -9.74 12.76 8.00
N LYS A 195 -9.41 13.41 6.89
CA LYS A 195 -9.64 14.86 6.75
C LYS A 195 -11.10 15.19 6.53
N GLN A 196 -11.83 14.30 5.87
CA GLN A 196 -13.25 14.49 5.57
C GLN A 196 -14.20 14.06 6.67
N LEU A 197 -13.82 13.02 7.41
CA LEU A 197 -14.66 12.50 8.47
C LEU A 197 -14.99 13.55 9.52
N LYS A 198 -16.28 13.78 9.75
CA LYS A 198 -16.74 14.76 10.73
C LYS A 198 -17.87 14.21 11.61
N ASP A 199 -17.61 14.19 12.92
CA ASP A 199 -18.58 13.70 13.90
C ASP A 199 -19.26 12.39 13.50
N ALA A 200 -18.45 11.41 13.10
CA ALA A 200 -18.99 10.12 12.70
C ALA A 200 -19.42 9.32 13.92
N LYS A 201 -20.53 8.60 13.81
CA LYS A 201 -21.02 7.77 14.89
C LYS A 201 -20.25 6.46 14.88
N ALA A 202 -18.96 6.55 15.23
CA ALA A 202 -18.10 5.37 15.27
C ALA A 202 -16.78 5.73 15.94
N ASP A 203 -16.17 4.75 16.58
CA ASP A 203 -14.89 4.91 17.25
C ASP A 203 -13.88 4.42 16.21
N VAL A 204 -13.26 5.35 15.51
CA VAL A 204 -12.36 5.02 14.42
C VAL A 204 -10.87 4.93 14.67
N TYR A 205 -10.26 3.86 14.18
CA TYR A 205 -8.84 3.63 14.30
C TYR A 205 -8.27 3.50 12.90
N PHE A 206 -7.58 4.55 12.43
CA PHE A 206 -6.93 4.52 11.12
C PHE A 206 -5.58 3.89 11.37
N VAL A 207 -5.23 2.85 10.62
CA VAL A 207 -3.96 2.19 10.85
C VAL A 207 -3.11 2.06 9.59
N ALA A 208 -1.89 2.58 9.64
CA ALA A 208 -0.95 2.46 8.52
C ALA A 208 -0.13 1.25 8.99
N THR A 209 -0.41 0.09 8.42
CA THR A 209 0.24 -1.15 8.82
C THR A 209 1.61 -1.39 8.22
N VAL A 210 2.40 -2.20 8.91
CA VAL A 210 3.72 -2.54 8.41
C VAL A 210 3.71 -3.98 7.92
N GLN A 211 4.74 -4.32 7.16
CA GLN A 211 4.96 -5.68 6.66
C GLN A 211 3.78 -6.44 6.05
N GLU A 212 2.99 -5.78 5.22
CA GLU A 212 1.87 -6.47 4.58
C GLU A 212 2.41 -7.33 3.44
N GLU A 213 3.42 -6.82 2.74
CA GLU A 213 4.00 -7.50 1.59
C GLU A 213 4.74 -8.81 1.89
N VAL A 214 5.01 -9.08 3.17
CA VAL A 214 5.69 -10.30 3.54
C VAL A 214 4.84 -11.27 4.35
N GLY A 215 3.56 -10.93 4.54
CA GLY A 215 2.67 -11.81 5.29
C GLY A 215 1.55 -11.18 6.12
N LEU A 216 1.14 -9.96 5.77
CA LEU A 216 0.07 -9.30 6.50
C LEU A 216 0.39 -9.24 8.00
N ARG A 217 1.66 -9.13 8.31
CA ARG A 217 2.13 -9.12 9.70
C ARG A 217 1.70 -7.97 10.60
N GLY A 218 1.75 -6.74 10.10
CA GLY A 218 1.36 -5.59 10.92
C GLY A 218 -0.14 -5.54 11.15
N ALA A 219 -0.91 -5.94 10.15
CA ALA A 219 -2.36 -5.95 10.28
C ALA A 219 -2.77 -6.90 11.39
N ARG A 220 -2.07 -8.03 11.49
CA ARG A 220 -2.38 -9.03 12.52
C ARG A 220 -2.20 -8.52 13.94
N THR A 221 -1.04 -7.91 14.22
CA THR A 221 -0.75 -7.41 15.55
C THR A 221 -1.52 -6.15 15.94
N SER A 222 -1.75 -5.24 15.00
CA SER A 222 -2.50 -4.03 15.33
C SER A 222 -3.97 -4.37 15.60
N ALA A 223 -4.54 -5.29 14.82
CA ALA A 223 -5.93 -5.70 14.99
C ALA A 223 -6.14 -6.39 16.34
N PHE A 224 -5.13 -7.14 16.78
CA PHE A 224 -5.23 -7.84 18.04
C PHE A 224 -5.34 -6.81 19.17
N GLY A 225 -4.51 -5.78 19.09
CA GLY A 225 -4.52 -4.74 20.11
C GLY A 225 -5.75 -3.85 20.09
N ILE A 226 -6.27 -3.57 18.89
CA ILE A 226 -7.44 -2.70 18.76
C ILE A 226 -8.76 -3.41 19.09
N GLU A 227 -8.84 -4.69 18.71
CA GLU A 227 -10.05 -5.50 18.93
C GLU A 227 -11.30 -4.78 18.41
N PRO A 228 -11.32 -4.46 17.11
CA PRO A 228 -12.44 -3.76 16.49
C PRO A 228 -13.70 -4.60 16.34
N ASP A 229 -14.83 -3.92 16.13
CA ASP A 229 -16.12 -4.55 15.91
C ASP A 229 -16.25 -4.81 14.42
N TYR A 230 -15.62 -3.94 13.63
CA TYR A 230 -15.64 -4.05 12.18
C TYR A 230 -14.27 -3.71 11.63
N GLY A 231 -13.90 -4.34 10.52
CA GLY A 231 -12.62 -4.09 9.93
C GLY A 231 -12.75 -3.78 8.45
N PHE A 232 -11.96 -2.83 7.98
CA PHE A 232 -11.96 -2.46 6.57
C PHE A 232 -10.53 -2.29 6.13
N ALA A 233 -10.20 -2.83 4.97
CA ALA A 233 -8.85 -2.68 4.45
C ALA A 233 -8.99 -1.93 3.14
N ILE A 234 -7.99 -1.12 2.81
CA ILE A 234 -7.98 -0.40 1.55
C ILE A 234 -6.65 -0.79 0.90
N ASP A 235 -6.70 -1.30 -0.32
CA ASP A 235 -5.48 -1.72 -1.01
C ASP A 235 -5.71 -1.49 -2.50
N VAL A 236 -4.81 -2.02 -3.33
CA VAL A 236 -4.97 -1.90 -4.77
C VAL A 236 -5.39 -3.27 -5.26
N THR A 237 -6.06 -3.31 -6.40
CA THR A 237 -6.47 -4.58 -6.97
C THR A 237 -6.02 -4.56 -8.43
N ILE A 238 -5.86 -5.74 -9.00
CA ILE A 238 -5.41 -5.84 -10.37
C ILE A 238 -6.37 -5.24 -11.39
N ALA A 239 -5.82 -4.41 -12.28
CA ALA A 239 -6.58 -3.83 -13.38
C ALA A 239 -5.78 -4.38 -14.56
N ALA A 240 -6.32 -5.40 -15.22
CA ALA A 240 -5.61 -6.00 -16.34
C ALA A 240 -6.35 -5.69 -17.64
N ASP A 241 -6.96 -4.51 -17.66
CA ASP A 241 -7.70 -4.03 -18.81
C ASP A 241 -6.69 -3.47 -19.81
N ILE A 242 -5.79 -4.36 -20.24
CA ILE A 242 -4.74 -4.00 -21.18
C ILE A 242 -4.75 -4.90 -22.40
N PRO A 243 -4.00 -4.54 -23.44
CA PRO A 243 -3.97 -5.37 -24.66
C PRO A 243 -3.63 -6.83 -24.43
N GLY A 244 -4.31 -7.71 -25.16
CA GLY A 244 -4.05 -9.14 -25.07
C GLY A 244 -4.68 -9.89 -23.92
N THR A 245 -5.44 -9.20 -23.08
CA THR A 245 -6.08 -9.85 -21.94
C THR A 245 -7.55 -10.18 -22.24
N PRO A 246 -7.94 -11.45 -22.09
CA PRO A 246 -9.33 -11.84 -22.35
C PRO A 246 -10.23 -11.03 -21.42
N GLU A 247 -11.39 -10.61 -21.92
CA GLU A 247 -12.31 -9.80 -21.11
C GLU A 247 -12.62 -10.37 -19.72
N HIS A 248 -12.82 -11.67 -19.61
CA HIS A 248 -13.13 -12.26 -18.32
C HIS A 248 -11.95 -12.31 -17.36
N LYS A 249 -10.76 -11.96 -17.84
CA LYS A 249 -9.59 -11.98 -16.96
C LYS A 249 -9.05 -10.60 -16.61
N GLN A 250 -9.79 -9.54 -16.94
CA GLN A 250 -9.32 -8.20 -16.65
C GLN A 250 -9.44 -7.78 -15.18
N VAL A 251 -10.31 -8.47 -14.43
CA VAL A 251 -10.54 -8.22 -13.00
C VAL A 251 -11.25 -6.88 -12.72
N THR A 252 -10.58 -5.76 -13.00
CA THR A 252 -11.19 -4.42 -12.82
C THR A 252 -10.74 -3.52 -13.97
N HIS A 253 -11.43 -2.39 -14.13
CA HIS A 253 -11.10 -1.45 -15.19
C HIS A 253 -10.81 -0.08 -14.57
N LEU A 254 -9.76 0.58 -15.04
CA LEU A 254 -9.44 1.91 -14.53
C LEU A 254 -10.54 2.88 -14.91
N GLY A 255 -10.90 3.76 -13.97
CA GLY A 255 -11.92 4.75 -14.23
C GLY A 255 -13.36 4.28 -14.07
N LYS A 256 -13.54 3.00 -13.76
CA LYS A 256 -14.89 2.47 -13.61
C LYS A 256 -15.40 2.45 -12.17
N GLY A 257 -14.62 2.98 -11.25
CA GLY A 257 -15.06 3.04 -9.86
C GLY A 257 -14.20 2.31 -8.84
N THR A 258 -14.49 2.56 -7.57
CA THR A 258 -13.77 1.91 -6.50
C THR A 258 -14.18 0.44 -6.58
N ALA A 259 -13.28 -0.47 -6.24
CA ALA A 259 -13.60 -1.90 -6.30
C ALA A 259 -13.98 -2.44 -4.93
N ILE A 260 -15.17 -3.03 -4.84
CA ILE A 260 -15.66 -3.63 -3.61
C ILE A 260 -15.27 -5.10 -3.71
N LYS A 261 -14.44 -5.56 -2.78
CA LYS A 261 -13.99 -6.94 -2.82
C LYS A 261 -15.01 -7.95 -2.32
N ILE A 262 -15.20 -9.02 -3.09
CA ILE A 262 -16.11 -10.08 -2.70
C ILE A 262 -15.22 -11.14 -2.05
N MET A 263 -14.10 -11.46 -2.68
CA MET A 263 -13.18 -12.42 -2.10
C MET A 263 -11.86 -12.47 -2.85
N ASP A 264 -10.81 -12.86 -2.13
CA ASP A 264 -9.50 -13.07 -2.73
C ASP A 264 -8.97 -14.29 -2.00
N ARG A 265 -7.73 -14.68 -2.26
CA ARG A 265 -7.23 -15.89 -1.63
C ARG A 265 -7.09 -15.82 -0.10
N SER A 266 -6.99 -14.61 0.45
CA SER A 266 -6.85 -14.46 1.90
C SER A 266 -8.14 -14.17 2.66
N VAL A 267 -9.21 -13.82 1.96
CA VAL A 267 -10.45 -13.51 2.67
C VAL A 267 -11.71 -13.53 1.81
N ILE A 268 -12.82 -13.92 2.42
CA ILE A 268 -14.12 -13.90 1.77
C ILE A 268 -14.79 -12.81 2.60
N CYS A 269 -14.99 -11.65 2.00
CA CYS A 269 -15.59 -10.52 2.72
C CYS A 269 -16.98 -10.88 3.20
N HIS A 270 -17.37 -10.35 4.36
CA HIS A 270 -18.68 -10.64 4.91
C HIS A 270 -19.72 -10.23 3.87
N PRO A 271 -20.55 -11.18 3.42
CA PRO A 271 -21.56 -10.85 2.42
C PRO A 271 -22.50 -9.70 2.77
N THR A 272 -22.80 -9.54 4.06
CA THR A 272 -23.69 -8.45 4.48
C THR A 272 -23.00 -7.12 4.27
N ILE A 273 -21.70 -7.06 4.60
CA ILE A 273 -20.97 -5.82 4.41
C ILE A 273 -20.79 -5.54 2.93
N VAL A 274 -20.54 -6.57 2.14
CA VAL A 274 -20.36 -6.38 0.70
C VAL A 274 -21.59 -5.76 0.05
N ARG A 275 -22.78 -6.29 0.34
CA ARG A 275 -23.98 -5.74 -0.28
C ARG A 275 -24.35 -4.40 0.33
N TRP A 276 -23.97 -4.17 1.57
CA TRP A 276 -24.23 -2.90 2.25
C TRP A 276 -23.41 -1.81 1.57
N LEU A 277 -22.15 -2.09 1.27
CA LEU A 277 -21.29 -1.12 0.61
C LEU A 277 -21.84 -0.84 -0.79
N GLU A 278 -22.28 -1.89 -1.47
CA GLU A 278 -22.82 -1.73 -2.83
C GLU A 278 -24.06 -0.86 -2.79
N GLU A 279 -24.91 -1.06 -1.80
CA GLU A 279 -26.12 -0.27 -1.69
C GLU A 279 -25.77 1.19 -1.37
N LEU A 280 -24.75 1.40 -0.55
CA LEU A 280 -24.32 2.77 -0.20
C LEU A 280 -23.80 3.49 -1.43
N ALA A 281 -23.06 2.77 -2.26
CA ALA A 281 -22.49 3.34 -3.48
C ALA A 281 -23.63 3.75 -4.41
N LYS A 282 -24.62 2.87 -4.55
CA LYS A 282 -25.77 3.17 -5.40
C LYS A 282 -26.52 4.40 -4.92
N LYS A 283 -26.80 4.45 -3.63
CA LYS A 283 -27.54 5.57 -3.04
C LYS A 283 -26.85 6.91 -3.17
N HIS A 284 -25.54 6.94 -2.99
CA HIS A 284 -24.80 8.19 -3.08
C HIS A 284 -24.18 8.44 -4.45
N GLU A 285 -24.58 7.62 -5.42
CA GLU A 285 -24.09 7.75 -6.79
C GLU A 285 -22.58 7.72 -6.91
N ILE A 286 -21.96 6.75 -6.23
CA ILE A 286 -20.51 6.59 -6.27
C ILE A 286 -20.20 5.42 -7.20
N PRO A 287 -19.41 5.64 -8.26
CA PRO A 287 -19.08 4.55 -9.20
C PRO A 287 -18.32 3.44 -8.50
N TYR A 288 -18.69 2.20 -8.80
CA TYR A 288 -18.04 1.05 -8.15
C TYR A 288 -18.09 -0.16 -9.06
N GLN A 289 -17.24 -1.13 -8.74
CA GLN A 289 -17.19 -2.38 -9.49
C GLN A 289 -16.89 -3.49 -8.49
N LEU A 290 -17.39 -4.69 -8.76
CA LEU A 290 -17.18 -5.83 -7.87
C LEU A 290 -15.90 -6.57 -8.24
N GLU A 291 -15.13 -6.94 -7.21
CA GLU A 291 -13.84 -7.59 -7.39
C GLU A 291 -13.70 -9.01 -6.84
N ILE A 292 -13.18 -9.91 -7.66
CA ILE A 292 -12.91 -11.27 -7.24
C ILE A 292 -11.50 -11.60 -7.75
N LEU A 293 -10.63 -12.02 -6.84
CA LEU A 293 -9.25 -12.39 -7.19
C LEU A 293 -9.01 -13.86 -6.89
N LEU A 294 -8.41 -14.57 -7.84
CA LEU A 294 -8.13 -15.99 -7.66
C LEU A 294 -6.91 -16.22 -6.79
N GLY A 295 -5.94 -15.31 -6.88
CA GLY A 295 -4.73 -15.44 -6.10
C GLY A 295 -4.11 -14.12 -5.70
N GLY A 296 -4.43 -13.68 -4.49
CA GLY A 296 -3.91 -12.44 -3.97
C GLY A 296 -3.98 -12.43 -2.45
N GLY A 297 -3.68 -11.29 -1.85
CA GLY A 297 -3.71 -11.17 -0.40
C GLY A 297 -3.84 -9.74 0.07
N THR A 298 -4.60 -9.54 1.14
CA THR A 298 -4.83 -8.20 1.69
C THR A 298 -4.87 -8.21 3.22
N ASP A 299 -4.66 -7.06 3.85
CA ASP A 299 -4.67 -6.96 5.31
C ASP A 299 -5.96 -7.49 5.93
N ALA A 300 -7.06 -7.45 5.17
CA ALA A 300 -8.34 -7.94 5.65
C ALA A 300 -8.18 -9.41 6.00
N GLY A 301 -7.31 -10.09 5.27
CA GLY A 301 -7.06 -11.50 5.50
C GLY A 301 -6.57 -11.80 6.91
N ALA A 302 -5.99 -10.79 7.55
CA ALA A 302 -5.49 -10.96 8.92
C ALA A 302 -6.50 -10.40 9.91
N ILE A 303 -7.02 -9.22 9.60
CA ILE A 303 -7.97 -8.57 10.48
C ILE A 303 -9.19 -9.43 10.84
N HIS A 304 -9.82 -10.03 9.84
CA HIS A 304 -11.02 -10.81 10.11
C HIS A 304 -10.83 -12.05 10.98
N LEU A 305 -9.61 -12.55 11.08
CA LEU A 305 -9.36 -13.74 11.89
C LEU A 305 -8.85 -13.39 13.29
N THR A 306 -8.90 -12.12 13.64
CA THR A 306 -8.43 -11.65 14.96
C THR A 306 -9.34 -12.13 16.08
N LYS A 307 -8.73 -12.70 17.11
CA LYS A 307 -9.46 -13.20 18.27
C LYS A 307 -10.68 -14.04 17.93
N ALA A 308 -11.86 -13.62 18.36
CA ALA A 308 -13.08 -14.38 18.08
C ALA A 308 -13.69 -14.08 16.70
N GLY A 309 -12.98 -13.30 15.89
CA GLY A 309 -13.47 -12.97 14.56
C GLY A 309 -13.99 -11.55 14.39
N VAL A 310 -13.74 -10.96 13.22
CA VAL A 310 -14.17 -9.60 12.92
C VAL A 310 -14.77 -9.50 11.53
N PRO A 311 -16.04 -9.05 11.43
CA PRO A 311 -16.69 -8.92 10.11
C PRO A 311 -15.89 -7.86 9.36
N THR A 312 -15.49 -8.15 8.12
CA THR A 312 -14.70 -7.18 7.39
C THR A 312 -15.10 -6.99 5.94
N GLY A 313 -14.64 -5.88 5.39
CA GLY A 313 -14.89 -5.56 4.00
C GLY A 313 -13.63 -4.92 3.49
N ALA A 314 -13.51 -4.78 2.19
CA ALA A 314 -12.33 -4.16 1.62
C ALA A 314 -12.70 -3.39 0.36
N LEU A 315 -12.12 -2.21 0.22
CA LEU A 315 -12.33 -1.37 -0.96
C LEU A 315 -10.94 -1.29 -1.58
N SER A 316 -10.88 -1.41 -2.90
CA SER A 316 -9.60 -1.36 -3.59
C SER A 316 -9.57 -0.34 -4.71
N VAL A 317 -8.37 0.14 -5.00
CA VAL A 317 -8.15 1.07 -6.08
C VAL A 317 -7.59 0.24 -7.22
N PRO A 318 -8.28 0.20 -8.36
CA PRO A 318 -7.78 -0.58 -9.51
C PRO A 318 -6.41 -0.04 -9.91
N ALA A 319 -5.47 -0.92 -10.19
CA ALA A 319 -4.13 -0.48 -10.57
C ALA A 319 -3.48 -1.39 -11.60
N ARG A 320 -2.90 -0.79 -12.64
CA ARG A 320 -2.21 -1.56 -13.66
C ARG A 320 -0.74 -1.68 -13.33
N TYR A 321 -0.10 -2.76 -13.79
CA TYR A 321 1.33 -2.99 -13.61
C TYR A 321 1.80 -3.05 -12.16
N ILE A 322 0.99 -3.67 -11.29
CA ILE A 322 1.33 -3.79 -9.87
C ILE A 322 2.67 -4.49 -9.62
N HIS A 323 3.41 -3.97 -8.64
CA HIS A 323 4.73 -4.48 -8.25
C HIS A 323 5.81 -4.12 -9.25
N SER A 324 5.90 -2.81 -9.52
CA SER A 324 6.90 -2.31 -10.45
C SER A 324 7.11 -0.84 -10.12
N ASN A 325 8.02 -0.22 -10.86
CA ASN A 325 8.29 1.19 -10.68
C ASN A 325 7.35 2.03 -11.53
N THR A 326 6.43 1.38 -12.24
CA THR A 326 5.48 2.10 -13.09
C THR A 326 4.03 1.71 -12.90
N GLU A 327 3.56 1.71 -11.66
CA GLU A 327 2.16 1.36 -11.38
C GLU A 327 1.27 2.53 -11.83
N VAL A 328 0.09 2.22 -12.36
CA VAL A 328 -0.81 3.23 -12.88
C VAL A 328 -2.22 3.16 -12.27
N VAL A 329 -2.74 4.30 -11.83
CA VAL A 329 -4.09 4.39 -11.25
C VAL A 329 -4.85 5.55 -11.88
N ASP A 330 -6.17 5.58 -11.64
CA ASP A 330 -7.05 6.61 -12.19
C ASP A 330 -7.64 7.41 -11.01
N GLU A 331 -7.52 8.73 -11.05
CA GLU A 331 -8.02 9.57 -9.96
C GLU A 331 -9.50 9.43 -9.67
N ARG A 332 -10.28 9.05 -10.69
CA ARG A 332 -11.71 8.91 -10.47
C ARG A 332 -11.99 7.74 -9.54
N ASP A 333 -11.15 6.70 -9.61
CA ASP A 333 -11.35 5.53 -8.74
C ASP A 333 -10.87 5.87 -7.33
N VAL A 334 -9.81 6.66 -7.25
CA VAL A 334 -9.29 7.06 -5.95
C VAL A 334 -10.34 7.89 -5.22
N ASP A 335 -10.95 8.84 -5.93
CA ASP A 335 -11.97 9.70 -5.35
C ASP A 335 -13.20 8.90 -4.90
N ALA A 336 -13.58 7.90 -5.70
CA ALA A 336 -14.73 7.07 -5.36
C ALA A 336 -14.44 6.28 -4.08
N THR A 337 -13.20 5.83 -3.93
CA THR A 337 -12.80 5.06 -2.76
C THR A 337 -12.87 5.94 -1.51
N VAL A 338 -12.36 7.16 -1.61
CA VAL A 338 -12.41 8.06 -0.47
C VAL A 338 -13.86 8.34 -0.10
N GLU A 339 -14.68 8.60 -1.12
CA GLU A 339 -16.09 8.90 -0.89
C GLU A 339 -16.87 7.73 -0.29
N LEU A 340 -16.66 6.51 -0.79
CA LEU A 340 -17.39 5.37 -0.25
C LEU A 340 -16.95 5.02 1.16
N MET A 341 -15.67 5.11 1.45
CA MET A 341 -15.20 4.80 2.80
C MET A 341 -15.74 5.82 3.79
N THR A 342 -15.82 7.08 3.36
CA THR A 342 -16.32 8.12 4.23
C THR A 342 -17.81 7.85 4.53
N LYS A 343 -18.57 7.51 3.51
CA LYS A 343 -19.99 7.22 3.69
C LYS A 343 -20.21 6.00 4.57
N ALA A 344 -19.33 5.00 4.42
CA ALA A 344 -19.45 3.78 5.22
C ALA A 344 -19.25 4.10 6.70
N LEU A 345 -18.27 4.93 7.00
CA LEU A 345 -17.99 5.29 8.38
C LEU A 345 -19.13 6.13 8.99
N GLU A 346 -19.76 6.96 8.18
CA GLU A 346 -20.86 7.81 8.66
C GLU A 346 -22.15 7.03 8.86
N ASN A 347 -22.24 5.85 8.25
CA ASN A 347 -23.46 5.05 8.34
C ASN A 347 -23.31 3.69 8.98
N ILE A 348 -22.09 3.32 9.37
CA ILE A 348 -21.86 2.01 9.96
C ILE A 348 -22.64 1.76 11.25
N HIS A 349 -23.01 2.82 11.94
CA HIS A 349 -23.76 2.67 13.19
C HIS A 349 -25.14 2.06 12.94
N GLU A 350 -25.61 2.10 11.69
CA GLU A 350 -26.91 1.53 11.34
C GLU A 350 -26.79 0.07 10.93
N LEU A 351 -25.57 -0.38 10.66
CA LEU A 351 -25.33 -1.74 10.24
C LEU A 351 -25.48 -2.70 11.42
ZN ZN B . -1.06 -3.93 -1.27
ZN ZN C . 1.77 -5.68 -3.06
AS ARS D . -1.07 -6.73 -2.44
#